data_6KLU
#
_entry.id   6KLU
#
_cell.length_a   1.00
_cell.length_b   1.00
_cell.length_c   1.00
_cell.angle_alpha   90.00
_cell.angle_beta   90.00
_cell.angle_gamma   90.00
#
_symmetry.space_group_name_H-M   'P 1'
#
loop_
_entity.id
_entity.type
_entity.pdbx_description
1 polymer 'Troponin C, slow skeletal and cardiac muscles'
2 polymer 'Troponin T, cardiac muscle'
3 polymer 'Troponin I, cardiac muscle'
4 non-polymer 'CALCIUM ION'
#
loop_
_entity_poly.entity_id
_entity_poly.type
_entity_poly.pdbx_seq_one_letter_code
_entity_poly.pdbx_strand_id
1 'polypeptide(L)'
;DDIYKAAVEQLTEEQKNEFKAAFDIFVLGAEDGCISTKELGKVMRMLGQNPTPEELQEMIDEVDEDGSGTVDFDEFLVMM
VRCMKDDSKGKSEEELSDLFRMFDKNADGYIDLDELKMMLQATGETITEDDIEELMKDGDKNNDGRIDYDEFLEFMK
;
A
2 'polypeptide(L)' GKRQTEREKKKKILAERRKALAIDHLNEDQLREKAKELWQSIHNLEAEKFDLQEKFKQQKYEINVLRNRINDNQ B
3 'polypeptide(L)'
;LKTLMLQIAKQEMEREAEERRGEKGRVLRTRCQPLELDGLGFEELQDLCRQLHARVDKVDEERYDVEAKVTKNITEIADL
TQKIYDLRGKFKRPTLRRVRISADAMMQALLGTRAKES
;
C
#
loop_
_chem_comp.id
_chem_comp.type
_chem_comp.name
_chem_comp.formula
CA non-polymer 'CALCIUM ION' 'Ca 2'
#
# COMPACT_ATOMS: atom_id res chain seq x y z
N ASP A 1 -12.96 3.36 -13.84
CA ASP A 1 -13.73 3.06 -15.08
C ASP A 1 -12.89 2.25 -16.06
N ASP A 2 -11.77 2.82 -16.48
CA ASP A 2 -10.93 2.27 -17.54
C ASP A 2 -10.59 0.78 -17.40
N ILE A 3 -10.17 0.37 -16.20
CA ILE A 3 -9.84 -1.04 -15.94
C ILE A 3 -11.07 -1.96 -16.04
N TYR A 4 -12.25 -1.44 -15.71
CA TYR A 4 -13.48 -2.21 -15.82
C TYR A 4 -13.94 -2.33 -17.27
N LYS A 5 -13.82 -1.23 -18.01
CA LYS A 5 -14.15 -1.21 -19.42
C LYS A 5 -13.31 -2.21 -20.21
N ALA A 6 -12.02 -2.30 -19.86
CA ALA A 6 -11.09 -3.22 -20.49
C ALA A 6 -11.48 -4.67 -20.23
N ALA A 7 -11.85 -4.98 -18.98
CA ALA A 7 -12.39 -6.30 -18.63
C ALA A 7 -13.62 -6.66 -19.47
N VAL A 8 -14.52 -5.68 -19.66
CA VAL A 8 -15.71 -5.89 -20.48
C VAL A 8 -15.36 -6.22 -21.95
N GLU A 9 -14.40 -5.49 -22.51
CA GLU A 9 -13.92 -5.74 -23.87
C GLU A 9 -13.41 -7.16 -24.07
N GLN A 10 -12.92 -7.76 -23.00
CA GLN A 10 -12.30 -9.08 -23.07
C GLN A 10 -13.26 -10.22 -22.70
N LEU A 11 -14.67 -9.96 -22.33
CA LEU A 11 -15.59 -11.07 -22.13
C LEU A 11 -15.90 -11.74 -23.46
N THR A 12 -15.95 -13.07 -23.48
CA THR A 12 -16.38 -13.79 -24.68
C THR A 12 -17.88 -13.64 -24.87
N GLU A 13 -18.32 -13.94 -26.09
CA GLU A 13 -19.73 -13.92 -26.42
C GLU A 13 -20.55 -14.87 -25.57
N GLU A 14 -20.04 -16.08 -25.35
CA GLU A 14 -20.77 -17.07 -24.54
C GLU A 14 -20.89 -16.61 -23.08
N GLN A 15 -19.83 -15.96 -22.57
CA GLN A 15 -19.85 -15.36 -21.22
C GLN A 15 -20.93 -14.28 -21.12
N LYS A 16 -20.99 -13.42 -22.13
CA LYS A 16 -22.00 -12.36 -22.20
C LYS A 16 -23.40 -12.93 -22.34
N ASN A 17 -23.53 -13.99 -23.14
CA ASN A 17 -24.81 -14.71 -23.26
C ASN A 17 -25.31 -15.28 -21.93
N GLU A 18 -24.40 -15.83 -21.12
CA GLU A 18 -24.78 -16.34 -19.80
C GLU A 18 -25.19 -15.19 -18.87
N PHE A 19 -24.43 -14.10 -18.90
CA PHE A 19 -24.79 -12.90 -18.13
C PHE A 19 -26.14 -12.34 -18.54
N LYS A 20 -26.45 -12.36 -19.85
CA LYS A 20 -27.77 -11.95 -20.32
C LYS A 20 -28.90 -12.80 -19.73
N ALA A 21 -28.69 -14.12 -19.70
CA ALA A 21 -29.67 -15.01 -19.08
C ALA A 21 -29.89 -14.65 -17.60
N ALA A 22 -28.83 -14.30 -16.87
CA ALA A 22 -28.96 -13.85 -15.47
C ALA A 22 -29.70 -12.52 -15.38
N PHE A 23 -29.32 -11.59 -16.26
CA PHE A 23 -29.98 -10.28 -16.33
C PHE A 23 -31.48 -10.40 -16.53
N ASP A 24 -31.90 -11.31 -17.41
CA ASP A 24 -33.31 -11.57 -17.66
C ASP A 24 -34.09 -12.01 -16.39
N ILE A 25 -33.45 -12.77 -15.51
CA ILE A 25 -34.04 -13.12 -14.21
C ILE A 25 -34.24 -11.88 -13.34
N PHE A 26 -33.23 -11.03 -13.27
CA PHE A 26 -33.34 -9.78 -12.54
C PHE A 26 -34.49 -8.91 -13.00
N VAL A 27 -34.61 -8.73 -14.32
CA VAL A 27 -35.54 -7.73 -14.85
C VAL A 27 -36.93 -8.26 -15.11
N LEU A 28 -37.16 -9.55 -14.87
CA LEU A 28 -38.45 -10.14 -15.14
C LEU A 28 -39.54 -9.27 -14.52
N GLY A 29 -40.49 -8.84 -15.33
CA GLY A 29 -41.62 -8.05 -14.83
C GLY A 29 -41.35 -6.58 -14.60
N ALA A 30 -40.15 -6.09 -14.93
CA ALA A 30 -39.87 -4.67 -14.75
C ALA A 30 -40.47 -3.83 -15.89
N GLU A 31 -41.12 -2.73 -15.52
CA GLU A 31 -41.73 -1.79 -16.46
C GLU A 31 -40.84 -1.46 -17.67
N ASP A 32 -39.61 -1.00 -17.37
CA ASP A 32 -38.70 -0.44 -18.37
C ASP A 32 -37.55 -1.38 -18.81
N GLY A 33 -37.65 -2.66 -18.47
CA GLY A 33 -36.63 -3.64 -18.86
C GLY A 33 -35.27 -3.43 -18.20
N CYS A 34 -35.27 -2.73 -17.08
CA CYS A 34 -34.04 -2.44 -16.36
C CYS A 34 -34.14 -2.88 -14.92
N ILE A 35 -33.02 -2.88 -14.23
CA ILE A 35 -32.98 -3.27 -12.81
C ILE A 35 -33.07 -2.07 -11.89
N SER A 36 -34.19 -1.93 -11.16
CA SER A 36 -34.31 -0.91 -10.10
C SER A 36 -33.99 -1.57 -8.74
N THR A 37 -34.05 -0.78 -7.65
CA THR A 37 -33.79 -1.31 -6.30
C THR A 37 -34.79 -2.38 -5.91
N LYS A 38 -35.98 -2.31 -6.50
CA LYS A 38 -37.03 -3.30 -6.31
C LYS A 38 -36.60 -4.69 -6.83
N GLU A 39 -36.10 -4.74 -8.06
CA GLU A 39 -35.69 -6.01 -8.68
C GLU A 39 -34.39 -6.49 -8.05
N LEU A 40 -33.48 -5.55 -7.79
CA LEU A 40 -32.19 -5.88 -7.21
C LEU A 40 -32.36 -6.46 -5.81
N GLY A 41 -33.22 -5.83 -5.00
CA GLY A 41 -33.55 -6.33 -3.66
C GLY A 41 -34.16 -7.72 -3.67
N LYS A 42 -35.14 -7.91 -4.55
CA LYS A 42 -35.82 -9.20 -4.70
C LYS A 42 -34.81 -10.31 -4.97
N VAL A 43 -33.91 -10.07 -5.92
CA VAL A 43 -32.91 -11.09 -6.26
C VAL A 43 -31.86 -11.30 -5.17
N MET A 44 -31.39 -10.21 -4.56
CA MET A 44 -30.43 -10.35 -3.46
C MET A 44 -31.01 -11.19 -2.32
N ARG A 45 -32.29 -10.97 -2.00
CA ARG A 45 -32.94 -11.73 -0.93
C ARG A 45 -33.17 -13.18 -1.35
N MET A 46 -33.51 -13.39 -2.61
CA MET A 46 -33.63 -14.74 -3.14
C MET A 46 -32.29 -15.48 -2.97
N LEU A 47 -31.21 -14.73 -3.12
CA LEU A 47 -29.85 -15.25 -2.99
C LEU A 47 -29.39 -15.41 -1.55
N GLY A 48 -30.22 -15.01 -0.59
CA GLY A 48 -29.87 -15.17 0.82
C GLY A 48 -29.22 -13.95 1.47
N GLN A 49 -29.14 -12.85 0.75
CA GLN A 49 -28.59 -11.61 1.30
C GLN A 49 -29.70 -10.73 1.86
N ASN A 50 -29.34 -9.82 2.75
CA ASN A 50 -30.30 -8.86 3.28
C ASN A 50 -29.81 -7.40 3.24
N PRO A 51 -29.59 -6.85 2.03
CA PRO A 51 -29.13 -5.46 1.92
C PRO A 51 -30.17 -4.46 2.38
N THR A 52 -29.73 -3.33 2.93
CA THR A 52 -30.63 -2.25 3.26
C THR A 52 -30.97 -1.50 1.98
N PRO A 53 -32.03 -0.65 2.00
CA PRO A 53 -32.35 0.13 0.80
C PRO A 53 -31.21 1.05 0.39
N GLU A 54 -30.41 1.49 1.36
CA GLU A 54 -29.27 2.36 1.09
C GLU A 54 -28.15 1.60 0.40
N GLU A 55 -27.86 0.38 0.85
CA GLU A 55 -26.88 -0.48 0.20
C GLU A 55 -27.28 -0.80 -1.24
N LEU A 56 -28.58 -1.06 -1.43
CA LEU A 56 -29.15 -1.32 -2.76
C LEU A 56 -28.98 -0.14 -3.70
N GLN A 57 -29.33 1.05 -3.20
CA GLN A 57 -29.16 2.27 -4.00
C GLN A 57 -27.69 2.50 -4.37
N GLU A 58 -26.80 2.29 -3.41
CA GLU A 58 -25.36 2.41 -3.64
C GLU A 58 -24.82 1.42 -4.67
N MET A 59 -25.31 0.18 -4.64
CA MET A 59 -24.93 -0.83 -5.63
C MET A 59 -25.29 -0.35 -7.05
N ILE A 60 -26.46 0.26 -7.19
CA ILE A 60 -26.91 0.76 -8.48
C ILE A 60 -26.08 1.98 -8.92
N ASP A 61 -25.90 2.92 -7.99
CA ASP A 61 -25.16 4.17 -8.28
C ASP A 61 -23.74 3.94 -8.75
N GLU A 62 -23.10 2.88 -8.23
CA GLU A 62 -21.74 2.52 -8.59
C GLU A 62 -21.52 2.27 -10.07
N VAL A 63 -22.56 1.82 -10.77
CA VAL A 63 -22.43 1.43 -12.17
C VAL A 63 -23.38 2.19 -13.09
N ASP A 64 -24.21 3.05 -12.52
CA ASP A 64 -25.21 3.78 -13.31
C ASP A 64 -24.51 4.88 -14.11
N GLU A 65 -24.53 4.76 -15.43
CA GLU A 65 -23.75 5.68 -16.27
C GLU A 65 -24.59 6.78 -16.93
N ASP A 66 -25.90 6.59 -16.95
CA ASP A 66 -26.80 7.56 -17.57
C ASP A 66 -27.71 8.25 -16.54
N GLY A 67 -27.40 8.09 -15.25
CA GLY A 67 -28.24 8.64 -14.17
C GLY A 67 -29.70 8.22 -14.23
N SER A 68 -29.96 6.99 -14.67
CA SER A 68 -31.34 6.52 -14.79
C SER A 68 -31.87 6.01 -13.45
N GLY A 69 -30.97 5.80 -12.51
CA GLY A 69 -31.33 5.21 -11.22
C GLY A 69 -31.56 3.72 -11.36
N THR A 70 -31.26 3.18 -12.55
CA THR A 70 -31.51 1.77 -12.86
C THR A 70 -30.32 1.17 -13.60
N VAL A 71 -30.25 -0.16 -13.62
CA VAL A 71 -29.14 -0.86 -14.28
C VAL A 71 -29.60 -1.55 -15.56
N ASP A 72 -29.04 -1.11 -16.70
CA ASP A 72 -29.30 -1.78 -17.98
C ASP A 72 -28.24 -2.88 -18.17
N PHE A 73 -28.34 -3.65 -19.25
CA PHE A 73 -27.45 -4.79 -19.43
C PHE A 73 -25.97 -4.41 -19.49
N ASP A 74 -25.66 -3.31 -20.17
CA ASP A 74 -24.28 -2.86 -20.23
C ASP A 74 -23.76 -2.52 -18.85
N GLU A 75 -24.57 -1.85 -18.06
CA GLU A 75 -24.16 -1.50 -16.69
C GLU A 75 -24.09 -2.75 -15.81
N PHE A 76 -24.93 -3.73 -16.13
CA PHE A 76 -24.94 -5.04 -15.45
C PHE A 76 -23.60 -5.78 -15.64
N LEU A 77 -23.08 -5.80 -16.87
CA LEU A 77 -21.78 -6.41 -17.12
C LEU A 77 -20.66 -5.82 -16.26
N VAL A 78 -20.68 -4.50 -16.11
CA VAL A 78 -19.71 -3.81 -15.25
C VAL A 78 -19.94 -4.24 -13.80
N MET A 79 -21.19 -4.26 -13.35
CA MET A 79 -21.50 -4.75 -12.00
C MET A 79 -20.92 -6.16 -11.74
N MET A 80 -21.09 -7.06 -12.71
CA MET A 80 -20.58 -8.43 -12.63
C MET A 80 -19.05 -8.52 -12.50
N VAL A 81 -18.33 -7.82 -13.38
CA VAL A 81 -16.87 -7.83 -13.32
C VAL A 81 -16.33 -7.14 -12.05
N ARG A 82 -17.00 -6.09 -11.59
CA ARG A 82 -16.64 -5.42 -10.34
C ARG A 82 -16.76 -6.38 -9.15
N CYS A 83 -17.72 -7.31 -9.24
CA CYS A 83 -17.95 -8.26 -8.16
C CYS A 83 -16.76 -9.18 -7.94
N MET A 84 -15.95 -9.34 -8.98
CA MET A 84 -14.85 -10.32 -8.94
C MET A 84 -13.46 -9.70 -9.13
N SER A 92 2.59 -2.24 -5.14
CA SER A 92 1.93 -1.77 -3.91
C SER A 92 1.86 -0.25 -3.75
N GLU A 93 1.02 0.22 -2.83
CA GLU A 93 0.92 1.65 -2.56
C GLU A 93 2.27 2.24 -2.09
N GLU A 94 2.99 1.50 -1.24
CA GLU A 94 4.30 1.99 -0.77
C GLU A 94 5.27 2.16 -1.94
N GLU A 95 4.93 0.96 -2.84
CA GLU A 95 5.73 1.03 -4.04
C GLU A 95 5.35 2.24 -4.89
N LEU A 96 4.07 2.76 -5.01
CA LEU A 96 3.94 3.79 -5.94
C LEU A 96 4.23 5.14 -5.31
N SER A 97 4.22 5.18 -3.97
CA SER A 97 4.54 6.39 -3.23
C SER A 97 5.98 6.87 -3.51
N ASP A 98 6.93 5.94 -3.53
CA ASP A 98 8.33 6.25 -3.85
C ASP A 98 8.48 6.74 -5.30
N LEU A 99 7.79 6.08 -6.21
CA LEU A 99 7.79 6.46 -7.63
C LEU A 99 7.14 7.84 -7.87
N PHE A 100 6.06 8.13 -7.14
CA PHE A 100 5.39 9.43 -7.20
C PHE A 100 6.38 10.57 -6.95
N ARG A 101 7.16 10.44 -5.87
CA ARG A 101 8.19 11.40 -5.50
C ARG A 101 9.14 11.69 -6.65
N MET A 102 9.47 10.69 -7.45
CA MET A 102 10.34 10.85 -8.62
C MET A 102 9.74 11.70 -9.75
N PHE A 103 8.41 11.63 -9.91
CA PHE A 103 7.73 12.51 -10.86
C PHE A 103 7.72 13.96 -10.36
N ASP A 104 7.55 14.09 -9.04
CA ASP A 104 7.29 15.40 -8.40
C ASP A 104 8.57 16.21 -8.22
N LYS A 105 9.08 16.73 -9.31
CA LYS A 105 10.42 17.34 -9.31
C LYS A 105 10.57 18.61 -8.47
N ASN A 106 9.53 19.42 -8.36
CA ASN A 106 9.60 20.57 -7.46
C ASN A 106 9.13 20.27 -6.03
N ALA A 107 8.86 18.99 -5.74
CA ALA A 107 8.47 18.52 -4.39
C ALA A 107 7.22 19.20 -3.78
N ASP A 108 6.26 19.59 -4.62
CA ASP A 108 5.06 20.26 -4.11
C ASP A 108 3.88 19.33 -3.78
N GLY A 109 4.06 18.03 -3.99
CA GLY A 109 3.01 17.05 -3.72
C GLY A 109 2.05 16.84 -4.88
N TYR A 110 2.34 17.41 -6.04
CA TYR A 110 1.50 17.24 -7.25
C TYR A 110 2.36 16.99 -8.48
N ILE A 111 1.86 16.21 -9.42
CA ILE A 111 2.54 16.08 -10.70
C ILE A 111 1.85 17.03 -11.69
N ASP A 112 2.57 18.04 -12.15
CA ASP A 112 2.02 18.97 -13.14
C ASP A 112 2.38 18.58 -14.58
N LEU A 113 1.88 19.36 -15.54
CA LEU A 113 2.07 19.01 -16.94
C LEU A 113 3.54 18.99 -17.35
N ASP A 114 4.30 19.98 -16.90
CA ASP A 114 5.74 20.03 -17.19
C ASP A 114 6.45 18.77 -16.69
N GLU A 115 6.17 18.40 -15.44
CA GLU A 115 6.79 17.23 -14.83
C GLU A 115 6.42 15.95 -15.56
N LEU A 116 5.17 15.87 -16.02
CA LEU A 116 4.70 14.73 -16.78
C LEU A 116 5.43 14.67 -18.12
N LYS A 117 5.53 15.83 -18.78
CA LYS A 117 6.26 15.95 -20.06
C LYS A 117 7.72 15.48 -19.95
N MET A 118 8.42 15.98 -18.94
CA MET A 118 9.81 15.60 -18.70
C MET A 118 9.93 14.09 -18.56
N MET A 119 9.09 13.50 -17.73
CA MET A 119 9.10 12.06 -17.53
C MET A 119 8.81 11.30 -18.82
N LEU A 120 7.81 11.74 -19.58
CA LEU A 120 7.45 11.08 -20.84
C LEU A 120 8.58 11.10 -21.88
N GLN A 121 9.26 12.24 -22.00
CA GLN A 121 10.39 12.36 -22.93
C GLN A 121 11.54 11.45 -22.54
N ALA A 122 11.77 11.31 -21.24
CA ALA A 122 12.83 10.45 -20.71
C ALA A 122 12.63 8.96 -21.02
N THR A 123 11.41 8.59 -21.43
CA THR A 123 11.11 7.19 -21.78
C THR A 123 11.79 6.77 -23.09
N GLY A 124 12.05 7.72 -23.97
CA GLY A 124 12.68 7.43 -25.27
C GLY A 124 11.70 7.13 -26.40
N GLU A 125 10.43 7.00 -26.06
CA GLU A 125 9.37 6.82 -27.06
C GLU A 125 9.07 8.18 -27.71
N THR A 126 8.56 8.17 -28.94
CA THR A 126 8.18 9.42 -29.59
C THR A 126 6.91 9.95 -28.93
N ILE A 127 7.02 11.12 -28.31
CA ILE A 127 5.93 11.68 -27.51
C ILE A 127 5.23 12.81 -28.26
N THR A 128 4.00 12.55 -28.71
CA THR A 128 3.18 13.57 -29.36
C THR A 128 2.50 14.44 -28.29
N GLU A 129 2.04 15.62 -28.69
CA GLU A 129 1.27 16.50 -27.81
C GLU A 129 0.01 15.78 -27.30
N ASP A 130 -0.60 14.96 -28.15
CA ASP A 130 -1.77 14.16 -27.78
C ASP A 130 -1.47 13.13 -26.69
N ASP A 131 -0.27 12.55 -26.71
CA ASP A 131 0.17 11.62 -25.67
C ASP A 131 0.12 12.30 -24.31
N ILE A 132 0.57 13.55 -24.28
CA ILE A 132 0.74 14.29 -23.04
C ILE A 132 -0.60 14.77 -22.50
N GLU A 133 -1.40 15.37 -23.36
CA GLU A 133 -2.73 15.90 -22.98
C GLU A 133 -3.68 14.80 -22.51
N GLU A 134 -3.67 13.65 -23.17
CA GLU A 134 -4.61 12.58 -22.85
C GLU A 134 -4.24 11.85 -21.56
N LEU A 135 -2.94 11.65 -21.35
CA LEU A 135 -2.48 11.05 -20.10
C LEU A 135 -2.84 11.91 -18.90
N MET A 136 -2.63 13.22 -19.03
CA MET A 136 -2.99 14.17 -17.97
C MET A 136 -4.50 14.20 -17.70
N LYS A 137 -5.30 14.21 -18.77
CA LYS A 137 -6.75 14.14 -18.63
C LYS A 137 -7.18 12.82 -18.02
N ASP A 138 -6.50 11.73 -18.38
CA ASP A 138 -6.77 10.40 -17.80
C ASP A 138 -6.45 10.41 -16.30
N GLY A 139 -5.36 11.05 -15.90
CA GLY A 139 -4.93 11.07 -14.51
C GLY A 139 -5.64 12.06 -13.61
N ASP A 140 -5.94 13.23 -14.16
CA ASP A 140 -6.50 14.34 -13.41
C ASP A 140 -8.03 14.27 -13.28
N LYS A 141 -8.50 13.60 -12.23
CA LYS A 141 -9.94 13.38 -12.03
C LYS A 141 -10.73 14.61 -11.61
N ASN A 142 -10.09 15.55 -10.90
CA ASN A 142 -10.84 16.69 -10.40
C ASN A 142 -10.58 17.99 -11.18
N ASN A 143 -10.07 17.85 -12.40
CA ASN A 143 -9.92 18.96 -13.35
C ASN A 143 -9.11 20.17 -12.86
N ASP A 144 -8.10 19.96 -12.02
CA ASP A 144 -7.23 21.07 -11.65
C ASP A 144 -5.95 21.09 -12.49
N GLY A 145 -5.86 20.18 -13.45
CA GLY A 145 -4.72 20.11 -14.39
C GLY A 145 -3.46 19.46 -13.84
N ARG A 146 -3.59 18.84 -12.67
CA ARG A 146 -2.46 18.11 -12.07
C ARG A 146 -2.91 16.82 -11.42
N ILE A 147 -1.94 15.93 -11.21
CA ILE A 147 -2.19 14.62 -10.66
C ILE A 147 -1.68 14.56 -9.22
N ASP A 148 -2.63 14.50 -8.28
CA ASP A 148 -2.26 14.36 -6.88
C ASP A 148 -1.94 12.91 -6.54
N TYR A 149 -1.53 12.67 -5.30
CA TYR A 149 -1.14 11.34 -4.89
C TYR A 149 -2.26 10.30 -5.07
N ASP A 150 -3.46 10.58 -4.62
CA ASP A 150 -4.59 9.64 -4.77
C ASP A 150 -4.92 9.39 -6.25
N GLU A 151 -4.87 10.46 -7.06
CA GLU A 151 -5.08 10.30 -8.51
C GLU A 151 -4.01 9.46 -9.16
N PHE A 152 -2.76 9.63 -8.70
CA PHE A 152 -1.64 8.85 -9.21
C PHE A 152 -1.83 7.35 -8.94
N LEU A 153 -2.28 7.01 -7.74
CA LEU A 153 -2.55 5.60 -7.41
C LEU A 153 -3.59 4.97 -8.34
N GLU A 154 -4.69 5.67 -8.58
CA GLU A 154 -5.71 5.19 -9.53
C GLU A 154 -5.18 5.11 -10.96
N PHE A 155 -4.41 6.13 -11.34
CA PHE A 155 -3.76 6.28 -12.65
C PHE A 155 -2.81 5.11 -12.97
N MET A 156 -2.13 4.61 -11.95
CA MET A 156 -1.17 3.53 -12.12
C MET A 156 -1.72 2.16 -11.70
N LYS A 157 -3.02 2.16 -11.07
CA LYS A 157 -3.63 0.91 -10.62
C LYS A 157 -3.47 -0.19 -11.67
N GLY B 1 10.65 20.64 32.09
CA GLY B 1 9.39 20.60 31.29
C GLY B 1 9.20 19.26 30.61
N LYS B 2 9.04 19.30 29.29
CA LYS B 2 8.82 18.10 28.47
C LYS B 2 10.07 17.22 28.33
N ARG B 3 11.25 17.83 28.47
CA ARG B 3 12.54 17.17 28.23
C ARG B 3 12.93 16.14 29.30
N GLN B 4 12.71 16.47 30.56
CA GLN B 4 13.05 15.59 31.67
C GLN B 4 12.06 14.42 31.81
N THR B 5 10.86 14.57 31.27
CA THR B 5 9.89 13.48 31.22
C THR B 5 10.23 12.51 30.09
N GLU B 6 10.65 13.04 28.94
CA GLU B 6 11.09 12.23 27.81
C GLU B 6 12.32 11.41 28.18
N ARG B 7 13.21 12.03 28.95
CA ARG B 7 14.45 11.41 29.40
C ARG B 7 14.23 10.29 30.43
N GLU B 8 13.37 10.54 31.41
CA GLU B 8 13.07 9.52 32.43
C GLU B 8 12.26 8.38 31.84
N LYS B 9 11.39 8.68 30.88
CA LYS B 9 10.65 7.65 30.15
C LYS B 9 11.60 6.74 29.34
N LYS B 10 12.57 7.36 28.67
CA LYS B 10 13.59 6.63 27.93
C LYS B 10 14.38 5.71 28.87
N LYS B 11 14.88 6.27 29.97
CA LYS B 11 15.60 5.46 30.95
C LYS B 11 14.76 4.28 31.44
N LYS B 12 13.49 4.53 31.74
CA LYS B 12 12.57 3.51 32.26
C LYS B 12 12.32 2.37 31.27
N ILE B 13 12.08 2.72 30.00
CA ILE B 13 11.80 1.72 28.98
C ILE B 13 13.04 0.85 28.68
N LEU B 14 14.21 1.49 28.59
CA LEU B 14 15.46 0.77 28.35
C LEU B 14 15.81 -0.16 29.52
N ALA B 15 15.59 0.31 30.75
CA ALA B 15 15.76 -0.52 31.96
C ALA B 15 14.90 -1.78 31.94
N GLU B 16 13.64 -1.63 31.51
CA GLU B 16 12.69 -2.75 31.47
C GLU B 16 13.07 -3.79 30.41
N ARG B 17 13.73 -3.34 29.34
CA ARG B 17 14.12 -4.20 28.22
C ARG B 17 15.46 -4.91 28.46
N ARG B 18 16.24 -4.42 29.41
CA ARG B 18 17.58 -4.97 29.69
C ARG B 18 17.51 -6.37 30.33
N LYS B 19 18.33 -7.28 29.82
CA LYS B 19 18.45 -8.63 30.39
C LYS B 19 19.67 -8.74 31.31
N ALA B 20 19.59 -9.62 32.30
CA ALA B 20 20.69 -9.81 33.24
C ALA B 20 21.68 -10.84 32.71
N LEU B 21 22.94 -10.42 32.54
CA LEU B 21 23.99 -11.30 32.04
C LEU B 21 24.54 -12.13 33.21
N ALA B 22 24.30 -13.43 33.18
CA ALA B 22 24.83 -14.35 34.20
C ALA B 22 25.65 -15.45 33.51
N ILE B 23 26.97 -15.29 33.56
CA ILE B 23 27.87 -16.16 32.81
C ILE B 23 28.83 -16.95 33.70
N ASP B 24 28.77 -16.71 35.00
CA ASP B 24 29.80 -17.18 35.91
C ASP B 24 29.94 -18.70 36.08
N HIS B 25 28.91 -19.44 35.69
CA HIS B 25 28.94 -20.90 35.76
C HIS B 25 29.26 -21.57 34.42
N LEU B 26 29.39 -20.78 33.35
CA LEU B 26 29.55 -21.32 32.00
C LEU B 26 30.98 -21.72 31.69
N ASN B 27 31.16 -22.84 31.00
CA ASN B 27 32.50 -23.20 30.50
C ASN B 27 32.81 -22.49 29.18
N GLU B 28 33.98 -22.77 28.61
CA GLU B 28 34.43 -22.13 27.38
C GLU B 28 33.45 -22.32 26.23
N ASP B 29 32.96 -23.54 26.03
CA ASP B 29 32.02 -23.83 24.95
C ASP B 29 30.70 -23.07 25.08
N GLN B 30 30.17 -23.04 26.31
CA GLN B 30 28.95 -22.28 26.62
C GLN B 30 29.14 -20.76 26.42
N LEU B 31 30.33 -20.27 26.78
CA LEU B 31 30.65 -18.85 26.58
C LEU B 31 30.67 -18.49 25.10
N ARG B 32 31.19 -19.38 24.25
CA ARG B 32 31.22 -19.12 22.81
C ARG B 32 29.81 -19.04 22.28
N GLU B 33 28.94 -19.92 22.78
CA GLU B 33 27.53 -19.86 22.39
C GLU B 33 26.86 -18.60 22.96
N LYS B 34 27.21 -18.23 24.18
CA LYS B 34 26.64 -17.01 24.77
C LYS B 34 27.02 -15.76 23.94
N ALA B 35 28.28 -15.71 23.53
CA ALA B 35 28.74 -14.65 22.63
C ALA B 35 27.94 -14.62 21.32
N LYS B 36 27.73 -15.78 20.68
CA LYS B 36 26.93 -15.84 19.45
C LYS B 36 25.51 -15.34 19.66
N GLU B 37 24.91 -15.71 20.79
CA GLU B 37 23.57 -15.24 21.18
C GLU B 37 23.50 -13.71 21.30
N LEU B 38 24.49 -13.12 21.96
CA LEU B 38 24.54 -11.67 22.15
C LEU B 38 24.74 -10.97 20.80
N TRP B 39 25.64 -11.52 19.98
CA TRP B 39 25.83 -11.03 18.63
C TRP B 39 24.52 -11.01 17.83
N GLN B 40 23.76 -12.08 17.93
CA GLN B 40 22.47 -12.19 17.23
C GLN B 40 21.50 -11.12 17.73
N SER B 41 21.55 -10.85 19.03
CA SER B 41 20.71 -9.81 19.62
C SER B 41 21.07 -8.46 18.98
N ILE B 42 22.37 -8.15 18.96
CA ILE B 42 22.85 -6.91 18.37
C ILE B 42 22.41 -6.80 16.91
N HIS B 43 22.60 -7.88 16.16
CA HIS B 43 22.13 -7.95 14.78
C HIS B 43 20.66 -7.58 14.67
N ASN B 44 19.81 -8.31 15.40
CA ASN B 44 18.37 -8.06 15.35
C ASN B 44 18.02 -6.62 15.73
N LEU B 45 18.72 -6.04 16.70
CA LEU B 45 18.48 -4.64 17.07
C LEU B 45 18.89 -3.67 15.97
N GLU B 46 20.04 -3.96 15.34
CA GLU B 46 20.50 -3.17 14.19
C GLU B 46 19.54 -3.27 13.00
N ALA B 47 18.99 -4.47 12.77
CA ALA B 47 17.99 -4.70 11.72
C ALA B 47 16.71 -3.89 11.98
N GLU B 48 16.25 -3.89 13.22
CA GLU B 48 15.09 -3.06 13.62
C GLU B 48 15.37 -1.58 13.49
N LYS B 49 16.71 -1.33 13.73
CA LYS B 49 17.60 -0.09 13.79
C LYS B 49 17.36 0.61 12.53
N PHE B 50 16.73 -0.17 11.65
CA PHE B 50 16.22 0.36 10.34
C PHE B 50 14.72 0.62 9.87
N ASP B 51 14.06 -0.54 10.14
CA ASP B 51 12.60 -0.51 9.91
C ASP B 51 12.08 0.61 10.72
N LEU B 52 13.18 1.28 11.16
CA LEU B 52 13.32 2.33 11.99
C LEU B 52 13.39 3.67 11.33
N GLN B 53 14.42 3.75 10.52
CA GLN B 53 15.16 4.76 9.60
C GLN B 53 14.47 4.75 8.25
N GLU B 54 14.33 3.58 7.62
CA GLU B 54 13.63 3.57 6.34
C GLU B 54 12.19 4.13 6.48
N LYS B 55 11.52 3.76 7.58
CA LYS B 55 10.19 4.28 7.88
C LYS B 55 10.22 5.80 8.06
N PHE B 56 11.18 6.29 8.85
CA PHE B 56 11.37 7.71 9.05
C PHE B 56 11.44 8.49 7.72
N LYS B 57 12.23 7.99 6.77
CA LYS B 57 12.34 8.65 5.47
C LYS B 57 11.02 8.68 4.68
N GLN B 58 10.30 7.55 4.66
CA GLN B 58 8.99 7.52 4.03
C GLN B 58 8.02 8.49 4.74
N GLN B 59 8.12 8.57 6.07
CA GLN B 59 7.28 9.48 6.83
C GLN B 59 7.53 10.97 6.48
N LYS B 60 8.79 11.31 6.32
CA LYS B 60 9.16 12.67 5.96
C LYS B 60 8.67 12.92 4.64
N TYR B 61 8.45 11.66 3.91
CA TYR B 61 7.63 12.50 3.12
C TYR B 61 6.08 12.44 3.24
N GLU B 62 5.32 11.29 3.47
CA GLU B 62 3.95 11.66 3.72
C GLU B 62 3.79 12.54 4.95
N ILE B 63 4.74 13.45 5.10
CA ILE B 63 4.47 14.71 5.79
C ILE B 63 4.57 15.89 4.82
N ASN B 64 5.60 15.86 3.96
CA ASN B 64 5.78 16.91 2.96
C ASN B 64 4.58 16.97 2.02
N VAL B 65 4.12 15.82 1.55
CA VAL B 65 2.93 15.77 0.69
C VAL B 65 1.69 16.34 1.40
N LEU B 66 1.43 15.89 2.62
CA LEU B 66 0.34 16.38 3.44
C LEU B 66 0.37 17.91 3.61
N ARG B 67 1.53 18.51 4.11
CA ARG B 67 1.71 19.95 4.25
C ARG B 67 1.42 20.68 2.94
N ASN B 68 1.89 20.14 1.83
CA ASN B 68 1.50 20.76 0.51
C ASN B 68 0.05 20.71 0.30
N ARG B 69 -0.73 19.57 0.52
CA ARG B 69 -2.08 19.38 0.32
C ARG B 69 -2.78 20.32 1.14
N ILE B 70 -2.36 20.51 2.37
CA ILE B 70 -3.06 21.50 3.09
C ILE B 70 -2.86 22.93 2.55
N ASN B 71 -1.69 23.30 2.34
CA ASN B 71 -1.41 24.62 1.77
C ASN B 71 -2.25 24.89 0.50
N ASP B 72 -2.30 23.91 -0.40
CA ASP B 72 -3.05 24.05 -1.64
C ASP B 72 -4.57 24.01 -1.50
N ASN B 73 -5.07 23.57 -0.34
CA ASN B 73 -6.50 23.48 -0.12
C ASN B 73 -7.02 24.47 0.91
N GLN B 74 -6.10 25.35 1.17
CA GLN B 74 -6.49 26.42 2.08
C GLN B 74 -6.94 27.61 1.26
N LEU C 1 -4.08 0.80 -25.78
CA LEU C 1 -2.83 1.43 -25.35
C LEU C 1 -2.73 1.57 -23.82
N LYS C 2 -3.55 1.92 -22.83
CA LYS C 2 -3.36 1.94 -21.37
C LYS C 2 -3.08 0.76 -20.63
N THR C 3 -3.60 -0.32 -21.22
CA THR C 3 -3.36 -1.65 -20.67
C THR C 3 -1.90 -2.06 -20.98
N LEU C 4 -0.80 -1.29 -21.76
CA LEU C 4 0.61 -1.44 -22.03
C LEU C 4 1.19 -0.81 -20.76
N MET C 5 0.45 0.18 -20.27
CA MET C 5 0.83 0.89 -19.06
C MET C 5 0.84 -0.07 -17.86
N LEU C 6 -0.20 -0.90 -17.76
CA LEU C 6 -0.24 -1.85 -16.64
C LEU C 6 0.93 -2.83 -16.68
N GLN C 7 1.35 -3.20 -17.89
CA GLN C 7 2.49 -4.10 -18.05
C GLN C 7 3.76 -3.48 -17.52
N ILE C 8 4.03 -2.24 -17.91
CA ILE C 8 5.24 -1.56 -17.47
C ILE C 8 5.22 -1.20 -15.96
N ALA C 9 4.03 -0.92 -15.42
CA ALA C 9 3.90 -0.70 -13.98
C ALA C 9 4.27 -1.97 -13.22
N LYS C 10 3.88 -3.11 -13.78
CA LYS C 10 4.15 -4.43 -13.21
C LYS C 10 5.65 -4.75 -13.27
N GLN C 11 6.31 -4.33 -14.35
CA GLN C 11 7.77 -4.46 -14.48
C GLN C 11 8.49 -3.57 -13.48
N GLU C 12 7.98 -2.38 -13.25
CA GLU C 12 8.56 -1.47 -12.27
C GLU C 12 8.39 -1.99 -10.83
N MET C 13 7.56 -2.99 -10.61
CA MET C 13 7.50 -3.41 -9.20
C MET C 13 8.48 -4.49 -8.98
N GLU C 14 8.21 -5.28 -10.00
CA GLU C 14 8.74 -6.60 -10.27
C GLU C 14 9.95 -5.92 -10.04
N ARG C 15 10.12 -4.57 -9.79
CA ARG C 15 11.29 -3.84 -9.83
C ARG C 15 11.85 -2.82 -8.77
N GLU C 16 12.77 -1.90 -9.24
CA GLU C 16 13.68 -1.08 -8.43
C GLU C 16 13.71 -1.49 -6.97
N ALA C 17 12.55 -1.83 -6.36
CA ALA C 17 12.45 -2.28 -5.06
C ALA C 17 13.39 -3.47 -4.80
N GLU C 18 13.44 -4.40 -5.76
CA GLU C 18 14.31 -5.56 -5.67
C GLU C 18 15.78 -5.16 -5.67
N GLU C 19 16.13 -4.24 -6.57
CA GLU C 19 17.48 -3.68 -6.66
C GLU C 19 17.89 -2.92 -5.40
N ARG C 20 16.92 -2.22 -4.78
CA ARG C 20 17.19 -1.50 -3.56
C ARG C 20 17.44 -2.46 -2.38
N ARG C 21 16.67 -3.55 -2.33
CA ARG C 21 16.90 -4.64 -1.36
C ARG C 21 18.30 -5.25 -1.46
N GLY C 22 18.74 -5.49 -2.69
CA GLY C 22 20.10 -5.95 -2.98
C GLY C 22 21.13 -4.95 -2.50
N GLU C 23 20.90 -3.68 -2.81
CA GLU C 23 21.79 -2.58 -2.40
C GLU C 23 21.88 -2.45 -0.87
N LYS C 24 20.94 -3.16 -0.27
CA LYS C 24 20.88 -3.38 1.16
C LYS C 24 21.84 -4.54 1.55
N GLY C 25 21.96 -5.60 0.72
CA GLY C 25 22.85 -6.70 0.99
C GLY C 25 24.22 -6.06 1.04
N ARG C 26 24.42 -5.02 0.25
CA ARG C 26 25.70 -4.31 0.23
C ARG C 26 25.91 -3.46 1.49
N VAL C 27 24.83 -2.86 1.99
CA VAL C 27 24.91 -2.05 3.20
C VAL C 27 25.26 -2.92 4.40
N LEU C 28 24.43 -3.94 4.64
CA LEU C 28 24.63 -4.88 5.74
C LEU C 28 25.94 -5.51 6.09
N ARG C 29 26.77 -6.12 5.22
CA ARG C 29 28.20 -6.32 5.62
C ARG C 29 28.66 -5.03 4.99
N THR C 30 28.79 -4.17 6.04
CA THR C 30 29.39 -2.75 6.24
C THR C 30 29.07 -2.28 7.72
N ARG C 31 28.23 -2.93 8.56
CA ARG C 31 27.94 -2.64 9.97
C ARG C 31 28.12 -3.78 10.97
N CYS C 32 27.64 -4.98 10.61
CA CYS C 32 27.69 -6.15 11.48
C CYS C 32 28.68 -7.14 10.91
N GLN C 33 29.94 -6.99 11.28
CA GLN C 33 30.97 -7.88 10.76
C GLN C 33 31.12 -9.18 11.59
N PRO C 34 31.73 -10.20 10.99
CA PRO C 34 31.92 -11.55 11.51
C PRO C 34 32.56 -11.57 12.88
N LEU C 35 32.13 -12.51 13.71
CA LEU C 35 32.76 -12.74 15.01
C LEU C 35 34.09 -13.41 14.90
N GLU C 36 34.88 -13.30 15.97
CA GLU C 36 36.28 -13.90 15.89
C GLU C 36 36.39 -14.52 17.20
N LEU C 37 36.06 -15.81 17.30
CA LEU C 37 36.16 -16.55 18.56
C LEU C 37 37.37 -17.47 18.66
N ASP C 38 37.95 -17.81 17.51
CA ASP C 38 39.05 -18.76 17.47
C ASP C 38 40.30 -18.21 18.15
N GLY C 39 40.80 -18.94 19.15
CA GLY C 39 41.98 -18.53 19.88
C GLY C 39 41.74 -17.66 21.10
N LEU C 40 40.47 -17.44 21.45
CA LEU C 40 40.17 -16.75 22.71
C LEU C 40 40.03 -17.77 23.82
N GLY C 41 40.77 -17.55 24.90
CA GLY C 41 40.71 -18.40 26.06
C GLY C 41 39.53 -18.01 26.94
N PHE C 42 39.37 -18.77 28.00
CA PHE C 42 38.26 -18.67 28.94
C PHE C 42 38.02 -17.25 29.41
N GLU C 43 39.05 -16.62 29.95
CA GLU C 43 38.94 -15.24 30.45
C GLU C 43 38.55 -14.28 29.33
N GLU C 44 39.23 -14.40 28.20
CA GLU C 44 38.90 -13.59 27.02
C GLU C 44 37.41 -13.73 26.59
N LEU C 45 36.86 -14.93 26.72
CA LEU C 45 35.46 -15.18 26.39
C LEU C 45 34.52 -14.53 27.39
N GLN C 46 34.86 -14.60 28.66
CA GLN C 46 34.09 -13.87 29.68
C GLN C 46 34.05 -12.36 29.37
N ASP C 47 35.21 -11.80 29.07
CA ASP C 47 35.30 -10.37 28.73
C ASP C 47 34.52 -10.02 27.46
N LEU C 48 34.61 -10.88 26.45
CA LEU C 48 33.84 -10.66 25.22
C LEU C 48 32.33 -10.64 25.48
N CYS C 49 31.85 -11.57 26.29
CA CYS C 49 30.44 -11.64 26.64
C CYS C 49 29.98 -10.36 27.33
N ARG C 50 30.81 -9.86 28.25
CA ARG C 50 30.54 -8.55 28.87
C ARG C 50 30.59 -7.38 27.87
N GLN C 51 31.58 -7.36 26.99
CA GLN C 51 31.65 -6.37 25.92
C GLN C 51 30.41 -6.38 25.01
N LEU C 52 29.97 -7.58 24.61
CA LEU C 52 28.81 -7.70 23.72
C LEU C 52 27.54 -7.24 24.41
N HIS C 53 27.42 -7.61 25.68
CA HIS C 53 26.25 -7.24 26.47
C HIS C 53 26.16 -5.72 26.61
N ALA C 54 27.31 -5.07 26.80
CA ALA C 54 27.37 -3.61 26.85
C ALA C 54 26.94 -3.00 25.50
N ARG C 55 27.37 -3.61 24.40
CA ARG C 55 27.01 -3.16 23.07
C ARG C 55 25.49 -3.29 22.83
N VAL C 56 24.90 -4.41 23.28
CA VAL C 56 23.46 -4.58 23.26
C VAL C 56 22.76 -3.34 23.84
N ASP C 57 23.21 -2.88 25.00
CA ASP C 57 22.64 -1.68 25.65
C ASP C 57 22.71 -0.43 24.79
N LYS C 58 23.90 -0.19 24.22
CA LYS C 58 24.12 0.95 23.36
C LYS C 58 23.26 0.94 22.09
N VAL C 59 23.25 -0.18 21.38
CA VAL C 59 22.43 -0.32 20.18
C VAL C 59 20.93 -0.14 20.50
N ASP C 60 20.48 -0.69 21.63
CA ASP C 60 19.07 -0.53 22.03
C ASP C 60 18.71 0.94 22.26
N GLU C 61 19.66 1.69 22.84
CA GLU C 61 19.48 3.12 23.05
C GLU C 61 19.37 3.87 21.71
N GLU C 62 20.26 3.56 20.77
CA GLU C 62 20.20 4.15 19.42
C GLU C 62 18.88 3.81 18.70
N ARG C 63 18.45 2.56 18.81
CA ARG C 63 17.15 2.13 18.25
C ARG C 63 15.99 2.92 18.88
N TYR C 64 16.03 3.06 20.19
CA TYR C 64 15.03 3.85 20.90
C TYR C 64 14.94 5.26 20.35
N ASP C 65 16.09 5.90 20.12
CA ASP C 65 16.12 7.27 19.61
C ASP C 65 15.48 7.44 18.24
N VAL C 66 15.72 6.49 17.34
CA VAL C 66 15.10 6.54 16.02
C VAL C 66 13.60 6.27 16.14
N GLU C 67 13.25 5.33 17.02
CA GLU C 67 11.87 4.96 17.28
C GLU C 67 11.04 6.15 17.80
N ALA C 68 11.67 6.94 18.67
CA ALA C 68 11.05 8.13 19.22
C ALA C 68 10.72 9.17 18.15
N LYS C 69 11.60 9.33 17.17
CA LYS C 69 11.34 10.21 16.03
C LYS C 69 10.22 9.66 15.15
N VAL C 70 10.21 8.35 14.94
CA VAL C 70 9.13 7.71 14.17
C VAL C 70 7.78 7.93 14.86
N THR C 71 7.76 7.76 16.17
CA THR C 71 6.55 7.96 16.97
C THR C 71 6.01 9.39 16.82
N LYS C 72 6.90 10.39 16.91
CA LYS C 72 6.48 11.79 16.74
C LYS C 72 5.97 12.04 15.34
N ASN C 73 6.56 11.40 14.33
CA ASN C 73 5.97 11.55 13.02
C ASN C 73 4.63 10.97 12.83
N ILE C 74 4.37 9.85 13.51
CA ILE C 74 3.01 9.26 13.47
C ILE C 74 1.99 10.27 14.00
N THR C 75 2.32 10.92 15.12
CA THR C 75 1.40 11.90 15.71
C THR C 75 1.13 13.02 14.71
N GLU C 76 2.19 13.48 14.04
CA GLU C 76 2.06 14.54 13.04
C GLU C 76 1.24 14.09 11.82
N ILE C 77 1.54 12.90 11.31
CA ILE C 77 0.76 12.33 10.20
C ILE C 77 -0.74 12.23 10.54
N ALA C 78 -1.05 11.73 11.73
CA ALA C 78 -2.46 11.59 12.15
C ALA C 78 -3.17 12.95 12.18
N ASP C 79 -2.48 13.97 12.69
CA ASP C 79 -3.04 15.33 12.79
C ASP C 79 -3.25 15.96 11.39
N LEU C 80 -2.24 15.89 10.54
CA LEU C 80 -2.34 16.44 9.18
C LEU C 80 -3.39 15.73 8.34
N THR C 81 -3.54 14.42 8.54
CA THR C 81 -4.55 13.63 7.83
C THR C 81 -5.96 14.10 8.19
N GLN C 82 -6.19 14.35 9.47
CA GLN C 82 -7.44 14.95 9.91
C GLN C 82 -7.62 16.34 9.27
N LYS C 83 -6.57 17.17 9.30
CA LYS C 83 -6.69 18.53 8.75
C LYS C 83 -7.08 18.52 7.27
N ILE C 84 -6.40 17.72 6.46
CA ILE C 84 -6.70 17.70 5.03
C ILE C 84 -8.08 17.11 4.74
N TYR C 85 -8.50 16.14 5.55
CA TYR C 85 -9.85 15.58 5.42
C TYR C 85 -10.92 16.68 5.62
N ASP C 86 -10.70 17.53 6.62
CA ASP C 86 -11.59 18.65 6.92
C ASP C 86 -11.61 19.64 5.77
N LEU C 87 -10.43 20.14 5.38
CA LEU C 87 -10.33 21.06 4.27
C LEU C 87 -11.02 20.53 3.01
N ARG C 88 -10.78 19.26 2.69
CA ARG C 88 -11.43 18.61 1.54
C ARG C 88 -12.95 18.35 1.71
N GLY C 89 -13.48 18.49 2.93
CA GLY C 89 -14.89 18.20 3.20
C GLY C 89 -15.86 19.20 2.60
N ARG C 100 -20.00 -9.03 -0.36
CA ARG C 100 -21.31 -9.20 -0.98
C ARG C 100 -21.55 -10.66 -1.42
N ILE C 101 -21.76 -10.86 -2.71
CA ILE C 101 -21.68 -12.17 -3.35
C ILE C 101 -20.97 -11.97 -4.67
N SER C 102 -20.08 -12.90 -5.01
CA SER C 102 -19.35 -12.83 -6.28
C SER C 102 -20.23 -13.24 -7.46
N ALA C 103 -19.94 -12.72 -8.65
CA ALA C 103 -20.66 -13.09 -9.87
C ALA C 103 -20.69 -14.60 -10.09
N ASP C 104 -19.59 -15.28 -9.71
CA ASP C 104 -19.45 -16.73 -9.78
C ASP C 104 -20.55 -17.49 -9.06
N ALA C 105 -20.67 -17.18 -7.77
CA ALA C 105 -21.67 -17.77 -6.90
C ALA C 105 -23.07 -17.36 -7.34
N MET C 106 -23.20 -16.13 -7.81
CA MET C 106 -24.51 -15.65 -8.24
C MET C 106 -24.93 -16.39 -9.50
N MET C 107 -23.99 -16.59 -10.41
CA MET C 107 -24.29 -17.27 -11.68
C MET C 107 -24.66 -18.75 -11.46
N GLN C 108 -23.92 -19.41 -10.58
CA GLN C 108 -24.24 -20.81 -10.23
C GLN C 108 -25.65 -20.92 -9.64
N ALA C 109 -26.01 -20.01 -8.74
CA ALA C 109 -27.32 -20.05 -8.08
C ALA C 109 -28.47 -19.77 -9.06
N LEU C 110 -28.32 -18.71 -9.85
CA LEU C 110 -29.42 -18.31 -10.76
C LEU C 110 -29.60 -19.28 -11.94
N LEU C 111 -28.49 -19.78 -12.48
CA LEU C 111 -28.53 -20.51 -13.75
C LEU C 111 -28.20 -22.00 -13.66
N GLY C 112 -27.63 -22.43 -12.54
CA GLY C 112 -27.37 -23.86 -12.32
C GLY C 112 -26.40 -24.39 -13.35
N THR C 113 -26.79 -25.47 -14.03
CA THR C 113 -25.94 -26.08 -15.04
C THR C 113 -25.64 -25.10 -16.18
N ARG C 114 -26.64 -24.31 -16.56
CA ARG C 114 -26.48 -23.38 -17.68
C ARG C 114 -25.32 -22.38 -17.49
N ALA C 115 -24.78 -22.29 -16.28
CA ALA C 115 -23.57 -21.52 -16.05
C ALA C 115 -22.35 -22.42 -16.27
N LYS C 116 -21.65 -22.21 -17.39
CA LYS C 116 -20.43 -22.95 -17.68
C LYS C 116 -19.28 -21.97 -17.82
N GLU C 117 -19.37 -21.12 -18.84
CA GLU C 117 -18.35 -20.14 -19.15
C GLU C 117 -18.10 -19.19 -17.99
N SER C 118 -19.15 -18.52 -17.52
CA SER C 118 -19.05 -17.60 -16.39
C SER C 118 -18.69 -18.35 -15.11
CA CA D . -28.66 3.31 -15.84
CA CA E . -6.08 16.59 -10.08
CA CA F . 5.20 18.98 -8.62
#